data_7Q7S
#
_entry.id   7Q7S
#
_cell.length_a   67.200
_cell.length_b   67.200
_cell.length_c   165.142
_cell.angle_alpha   90.000
_cell.angle_beta   90.000
_cell.angle_gamma   120.000
#
_symmetry.space_group_name_H-M   'P 61 2 2'
#
loop_
_entity.id
_entity.type
_entity.pdbx_description
1 polymer 'B-cell lymphoma 6 protein'
2 polymer ALA-TRP-VAL-ILE-PRO-ALA
3 non-polymer 2-chloranyl-4-[[4-(ethylamino)-1,3-dimethyl-2-oxidanylidene-quinolin-6-yl]amino]pyridine-3-carbonitrile
4 non-polymer 1,2-ETHANEDIOL
5 non-polymer 'CHLORIDE ION'
6 water water
#
loop_
_entity_poly.entity_id
_entity_poly.type
_entity_poly.pdbx_seq_one_letter_code
_entity_poly.pdbx_strand_id
1 'polypeptide(L)'
;GPGADSCIQFTRHASDVLLNLNRLRSRDILTDVVIVVSREQFRAHKTVLMACSGLFYSIFTDQLKCNLSVINLDPEINPE
GFCILLDFMYTSRLNLREGNIMAVMATAMYLQMEHVVDTCRKFIKASE
;
A
2 'polypeptide(L)' AWVIPA B
#
# COMPACT_ATOMS: atom_id res chain seq x y z
N ALA A 4 -19.65 -4.72 21.91
CA ALA A 4 -19.76 -4.46 23.34
C ALA A 4 -18.57 -3.64 23.86
N ASP A 5 -18.78 -2.92 24.97
CA ASP A 5 -17.73 -2.12 25.59
C ASP A 5 -16.86 -2.92 26.58
N SER A 6 -17.18 -4.20 26.83
CA SER A 6 -16.43 -5.03 27.76
C SER A 6 -15.33 -5.87 27.08
N CYS A 7 -14.97 -5.57 25.83
CA CYS A 7 -13.96 -6.33 25.09
CA CYS A 7 -13.97 -6.36 25.12
C CYS A 7 -12.57 -6.21 25.70
N ILE A 8 -11.73 -7.22 25.47
CA ILE A 8 -10.30 -7.16 25.76
C ILE A 8 -9.66 -7.07 24.36
N GLN A 9 -8.43 -6.60 24.26
CA GLN A 9 -7.79 -6.40 22.95
C GLN A 9 -6.42 -7.04 22.90
N PHE A 10 -6.09 -7.69 21.77
CA PHE A 10 -4.77 -8.28 21.62
C PHE A 10 -3.94 -7.24 20.87
N THR A 11 -3.00 -6.62 21.57
N THR A 11 -3.01 -6.57 21.56
CA THR A 11 -2.21 -5.52 21.02
CA THR A 11 -2.21 -5.48 21.01
C THR A 11 -1.58 -5.81 19.66
C THR A 11 -1.47 -5.77 19.70
N ARG A 12 -0.93 -6.97 19.54
CA ARG A 12 -0.20 -7.31 18.30
C ARG A 12 -1.04 -7.84 17.18
N HIS A 13 -2.37 -7.99 17.38
CA HIS A 13 -3.19 -8.62 16.34
C HIS A 13 -3.09 -7.97 14.97
N ALA A 14 -3.28 -6.65 14.87
CA ALA A 14 -3.28 -6.01 13.55
C ALA A 14 -1.95 -6.17 12.85
N SER A 15 -0.82 -6.03 13.58
N SER A 15 -0.84 -6.04 13.59
N SER A 15 -0.84 -6.04 13.59
CA SER A 15 0.49 -6.19 12.96
CA SER A 15 0.48 -6.20 12.99
CA SER A 15 0.49 -6.20 13.01
C SER A 15 0.73 -7.66 12.56
C SER A 15 0.68 -7.65 12.54
C SER A 15 0.72 -7.65 12.56
N ASP A 16 0.20 -8.62 13.33
CA ASP A 16 0.35 -10.03 12.98
C ASP A 16 -0.48 -10.36 11.73
N VAL A 17 -1.67 -9.76 11.61
CA VAL A 17 -2.51 -9.97 10.42
C VAL A 17 -1.76 -9.42 9.19
N LEU A 18 -1.22 -8.21 9.29
CA LEU A 18 -0.51 -7.61 8.15
C LEU A 18 0.70 -8.45 7.76
N LEU A 19 1.42 -8.98 8.75
N LEU A 19 1.43 -9.00 8.77
CA LEU A 19 2.57 -9.85 8.46
CA LEU A 19 2.58 -9.89 8.53
C LEU A 19 2.13 -11.08 7.65
C LEU A 19 2.15 -11.09 7.69
N ASN A 20 1.00 -11.69 8.03
CA ASN A 20 0.51 -12.85 7.30
C ASN A 20 0.01 -12.47 5.92
N LEU A 21 -0.63 -11.27 5.78
CA LEU A 21 -1.03 -10.83 4.42
C LEU A 21 0.20 -10.66 3.53
N ASN A 22 1.31 -10.13 4.11
CA ASN A 22 2.53 -9.97 3.33
C ASN A 22 3.13 -11.33 2.96
N ARG A 23 3.04 -12.33 3.88
CA ARG A 23 3.52 -13.67 3.56
C ARG A 23 2.70 -14.28 2.44
N LEU A 24 1.36 -14.07 2.45
CA LEU A 24 0.53 -14.58 1.35
C LEU A 24 0.93 -13.91 0.04
N ARG A 25 1.17 -12.59 0.08
CA ARG A 25 1.59 -11.89 -1.14
C ARG A 25 2.92 -12.44 -1.67
N SER A 26 3.90 -12.66 -0.79
N SER A 26 3.89 -12.69 -0.75
N SER A 26 3.90 -12.66 -0.79
CA SER A 26 5.20 -13.17 -1.21
CA SER A 26 5.24 -13.23 -1.03
CA SER A 26 5.21 -13.18 -1.20
C SER A 26 5.07 -14.54 -1.89
C SER A 26 5.21 -14.61 -1.68
C SER A 26 5.08 -14.53 -1.88
N ARG A 27 4.16 -15.38 -1.38
CA ARG A 27 3.94 -16.71 -1.93
C ARG A 27 2.89 -16.74 -3.05
N ASP A 28 2.34 -15.58 -3.42
CA ASP A 28 1.33 -15.44 -4.45
C ASP A 28 0.07 -16.22 -4.11
N ILE A 29 -0.32 -16.21 -2.83
CA ILE A 29 -1.49 -16.94 -2.40
C ILE A 29 -2.70 -16.03 -2.35
N LEU A 30 -3.74 -16.41 -3.11
CA LEU A 30 -5.01 -15.70 -3.19
C LEU A 30 -4.90 -14.26 -3.68
N THR A 31 -3.78 -13.92 -4.34
CA THR A 31 -3.66 -12.62 -5.01
C THR A 31 -4.69 -12.61 -6.16
N ASP A 32 -5.36 -11.46 -6.33
CA ASP A 32 -6.47 -11.40 -7.28
C ASP A 32 -6.40 -10.25 -8.25
N VAL A 33 -5.26 -9.56 -8.30
CA VAL A 33 -5.09 -8.48 -9.25
C VAL A 33 -3.61 -8.31 -9.56
N VAL A 34 -3.33 -7.88 -10.78
CA VAL A 34 -1.98 -7.53 -11.19
C VAL A 34 -2.04 -6.04 -11.48
N ILE A 35 -1.16 -5.25 -10.86
CA ILE A 35 -1.06 -3.81 -11.12
C ILE A 35 0.10 -3.65 -12.08
N VAL A 36 -0.17 -3.03 -13.23
CA VAL A 36 0.85 -2.85 -14.26
C VAL A 36 1.32 -1.40 -14.24
N VAL A 37 2.65 -1.20 -14.10
CA VAL A 37 3.25 0.12 -14.01
C VAL A 37 4.35 0.15 -15.07
N SER A 38 3.94 0.59 -16.25
N SER A 38 3.98 0.64 -16.25
CA SER A 38 4.82 0.61 -17.40
CA SER A 38 4.92 0.75 -17.37
C SER A 38 5.24 -0.82 -17.72
C SER A 38 5.64 -0.57 -17.67
N ARG A 39 6.53 -1.12 -17.73
N ARG A 39 4.86 -1.63 -17.81
CA ARG A 39 6.91 -2.49 -18.04
CA ARG A 39 5.33 -2.99 -18.12
C ARG A 39 6.82 -3.48 -16.87
C ARG A 39 6.00 -3.75 -16.94
N GLU A 40 6.49 -3.01 -15.67
N GLU A 40 6.01 -3.16 -15.75
CA GLU A 40 6.49 -3.88 -14.49
CA GLU A 40 6.46 -3.85 -14.54
C GLU A 40 5.12 -4.32 -14.00
C GLU A 40 5.12 -4.31 -13.95
N GLN A 41 5.05 -5.54 -13.48
CA GLN A 41 3.80 -6.10 -12.96
C GLN A 41 3.92 -6.42 -11.50
N PHE A 42 2.88 -6.12 -10.72
CA PHE A 42 2.90 -6.38 -9.30
C PHE A 42 1.64 -7.11 -8.90
N ARG A 43 1.74 -8.30 -8.32
CA ARG A 43 0.56 -9.04 -7.89
C ARG A 43 0.19 -8.63 -6.47
N ALA A 44 -1.10 -8.48 -6.19
CA ALA A 44 -1.54 -8.03 -4.88
C ALA A 44 -2.96 -8.49 -4.57
N HIS A 45 -3.41 -8.18 -3.36
CA HIS A 45 -4.78 -8.46 -2.95
C HIS A 45 -5.54 -7.15 -3.03
N LYS A 46 -6.67 -7.19 -3.71
CA LYS A 46 -7.47 -6.00 -3.88
C LYS A 46 -7.89 -5.38 -2.55
N THR A 47 -8.25 -6.20 -1.58
CA THR A 47 -8.69 -5.63 -0.30
C THR A 47 -7.57 -4.88 0.39
N VAL A 48 -6.31 -5.37 0.30
CA VAL A 48 -5.22 -4.63 0.96
C VAL A 48 -4.99 -3.30 0.23
N LEU A 49 -5.01 -3.33 -1.12
CA LEU A 49 -4.85 -2.09 -1.88
C LEU A 49 -5.90 -1.04 -1.50
N MET A 50 -7.19 -1.47 -1.44
CA MET A 50 -8.27 -0.55 -1.07
C MET A 50 -8.09 -0.03 0.35
N ALA A 51 -7.67 -0.91 1.25
CA ALA A 51 -7.50 -0.52 2.66
C ALA A 51 -6.37 0.48 2.86
N CYS A 52 -5.48 0.64 1.84
CA CYS A 52 -4.32 1.54 1.99
C CYS A 52 -4.34 2.75 1.10
N SER A 53 -5.21 2.78 0.09
CA SER A 53 -5.08 3.81 -0.93
C SER A 53 -6.45 4.33 -1.35
N GLY A 54 -6.61 5.65 -1.38
CA GLY A 54 -7.87 6.23 -1.83
C GLY A 54 -8.15 5.91 -3.29
N LEU A 55 -7.09 5.83 -4.12
CA LEU A 55 -7.29 5.51 -5.53
C LEU A 55 -7.81 4.08 -5.67
N PHE A 56 -7.16 3.10 -5.02
CA PHE A 56 -7.62 1.71 -5.14
C PHE A 56 -8.97 1.50 -4.49
N TYR A 57 -9.27 2.25 -3.41
CA TYR A 57 -10.60 2.16 -2.79
C TYR A 57 -11.67 2.59 -3.82
N SER A 58 -11.40 3.68 -4.55
N SER A 58 -11.39 3.67 -4.57
CA SER A 58 -12.34 4.12 -5.57
CA SER A 58 -12.28 4.18 -5.61
C SER A 58 -12.43 3.10 -6.69
C SER A 58 -12.38 3.26 -6.82
N ILE A 59 -11.28 2.59 -7.17
CA ILE A 59 -11.28 1.65 -8.29
C ILE A 59 -12.05 0.38 -8.00
N PHE A 60 -11.75 -0.26 -6.87
CA PHE A 60 -12.35 -1.56 -6.61
C PHE A 60 -13.76 -1.50 -6.01
N THR A 61 -14.29 -0.29 -5.71
CA THR A 61 -15.71 -0.16 -5.36
C THR A 61 -16.54 0.20 -6.62
N ASP A 62 -15.90 0.45 -7.77
CA ASP A 62 -16.63 0.72 -8.99
C ASP A 62 -17.25 -0.61 -9.45
N GLN A 63 -18.51 -0.57 -9.88
CA GLN A 63 -19.24 -1.78 -10.25
C GLN A 63 -18.68 -2.53 -11.46
N LEU A 64 -17.90 -1.86 -12.34
CA LEU A 64 -17.23 -2.55 -13.44
C LEU A 64 -15.77 -2.89 -13.07
N LYS A 65 -15.01 -1.91 -12.52
CA LYS A 65 -13.58 -2.14 -12.25
C LYS A 65 -13.34 -3.14 -11.13
N CYS A 66 -14.29 -3.33 -10.22
CA CYS A 66 -14.13 -4.31 -9.13
C CYS A 66 -13.81 -5.71 -9.65
N ASN A 67 -14.27 -6.03 -10.87
CA ASN A 67 -14.10 -7.34 -11.48
C ASN A 67 -12.88 -7.50 -12.39
N LEU A 68 -12.09 -6.42 -12.58
CA LEU A 68 -10.91 -6.52 -13.42
C LEU A 68 -9.80 -7.26 -12.69
N SER A 69 -9.05 -8.06 -13.44
CA SER A 69 -7.92 -8.80 -12.89
CA SER A 69 -7.92 -8.79 -12.87
C SER A 69 -6.59 -8.07 -13.13
N VAL A 70 -6.60 -7.02 -13.97
CA VAL A 70 -5.40 -6.23 -14.30
C VAL A 70 -5.81 -4.77 -14.23
N ILE A 71 -4.98 -3.94 -13.59
CA ILE A 71 -5.21 -2.50 -13.55
C ILE A 71 -3.94 -1.84 -14.06
N ASN A 72 -4.05 -1.01 -15.09
CA ASN A 72 -2.90 -0.31 -15.63
C ASN A 72 -2.80 1.08 -15.05
N LEU A 73 -1.68 1.41 -14.41
CA LEU A 73 -1.49 2.75 -13.88
C LEU A 73 -1.02 3.72 -14.96
N ASP A 74 -1.16 5.02 -14.67
CA ASP A 74 -0.72 6.10 -15.57
C ASP A 74 0.77 5.89 -15.94
N PRO A 75 1.13 6.07 -17.21
CA PRO A 75 2.53 5.83 -17.61
C PRO A 75 3.56 6.74 -16.93
N GLU A 76 3.12 7.84 -16.32
N GLU A 76 3.13 7.83 -16.31
CA GLU A 76 4.04 8.72 -15.61
CA GLU A 76 4.08 8.71 -15.60
C GLU A 76 4.38 8.22 -14.18
C GLU A 76 4.52 8.09 -14.27
N ILE A 77 3.79 7.08 -13.75
CA ILE A 77 4.10 6.50 -12.46
C ILE A 77 5.35 5.66 -12.54
N ASN A 78 6.27 5.91 -11.61
CA ASN A 78 7.54 5.22 -11.52
C ASN A 78 7.35 3.85 -10.88
N PRO A 79 7.79 2.76 -11.54
CA PRO A 79 7.63 1.43 -10.94
C PRO A 79 8.32 1.26 -9.60
N GLU A 80 9.54 1.80 -9.42
CA GLU A 80 10.21 1.67 -8.12
C GLU A 80 9.42 2.40 -7.02
N GLY A 81 8.87 3.59 -7.34
CA GLY A 81 8.03 4.32 -6.41
C GLY A 81 6.81 3.51 -6.02
N PHE A 82 6.19 2.85 -7.02
CA PHE A 82 5.03 1.99 -6.74
C PHE A 82 5.44 0.82 -5.86
N CYS A 83 6.57 0.17 -6.16
CA CYS A 83 7.06 -0.98 -5.40
C CYS A 83 7.27 -0.60 -3.94
N ILE A 84 7.88 0.58 -3.71
CA ILE A 84 8.11 1.04 -2.34
C ILE A 84 6.80 1.25 -1.58
N LEU A 85 5.81 1.82 -2.28
CA LEU A 85 4.51 2.05 -1.64
C LEU A 85 3.75 0.75 -1.43
N LEU A 86 3.86 -0.20 -2.35
CA LEU A 86 3.19 -1.49 -2.17
C LEU A 86 3.81 -2.22 -0.97
N ASP A 87 5.15 -2.14 -0.81
CA ASP A 87 5.79 -2.74 0.37
C ASP A 87 5.31 -2.05 1.64
N PHE A 88 5.16 -0.71 1.60
CA PHE A 88 4.63 0.01 2.78
C PHE A 88 3.20 -0.47 3.10
N MET A 89 2.36 -0.64 2.07
CA MET A 89 0.96 -1.10 2.33
C MET A 89 0.97 -2.43 3.13
N TYR A 90 1.89 -3.33 2.75
CA TYR A 90 1.91 -4.65 3.37
C TYR A 90 2.80 -4.79 4.61
N THR A 91 3.53 -3.72 5.00
CA THR A 91 4.44 -3.86 6.16
C THR A 91 4.45 -2.70 7.14
N SER A 92 3.89 -1.54 6.75
N SER A 92 3.89 -1.54 6.75
CA SER A 92 3.93 -0.28 7.51
CA SER A 92 3.93 -0.28 7.50
C SER A 92 5.31 0.41 7.42
C SER A 92 5.30 0.43 7.38
N ARG A 93 6.24 -0.19 6.69
CA ARG A 93 7.58 0.39 6.53
C ARG A 93 7.78 0.99 5.15
N LEU A 94 8.27 2.22 5.16
CA LEU A 94 8.50 2.97 3.93
C LEU A 94 9.99 3.19 3.73
N ASN A 95 10.52 2.71 2.61
CA ASN A 95 11.95 2.85 2.33
C ASN A 95 12.17 4.19 1.64
N LEU A 96 12.17 5.26 2.42
CA LEU A 96 12.29 6.60 1.86
C LEU A 96 13.78 6.99 1.84
N ARG A 97 14.28 7.35 0.65
CA ARG A 97 15.70 7.70 0.47
C ARG A 97 15.81 8.96 -0.37
N GLU A 98 16.97 9.65 -0.31
CA GLU A 98 17.14 10.86 -1.12
C GLU A 98 16.90 10.60 -2.61
N GLY A 99 17.32 9.43 -3.07
CA GLY A 99 17.22 9.04 -4.47
C GLY A 99 15.85 8.62 -4.94
N ASN A 100 14.93 8.34 -4.00
CA ASN A 100 13.59 7.92 -4.41
C ASN A 100 12.47 8.82 -3.90
N ILE A 101 12.76 9.80 -3.03
CA ILE A 101 11.68 10.57 -2.41
C ILE A 101 10.76 11.29 -3.40
N MET A 102 11.29 11.89 -4.48
CA MET A 102 10.40 12.57 -5.40
C MET A 102 9.44 11.62 -6.08
N ALA A 103 9.93 10.43 -6.46
CA ALA A 103 9.07 9.42 -7.11
C ALA A 103 8.08 8.85 -6.11
N VAL A 104 8.51 8.62 -4.87
CA VAL A 104 7.60 8.08 -3.84
C VAL A 104 6.48 9.09 -3.59
N MET A 105 6.85 10.38 -3.43
CA MET A 105 5.83 11.40 -3.16
C MET A 105 4.84 11.50 -4.33
N ALA A 106 5.34 11.52 -5.57
CA ALA A 106 4.44 11.63 -6.73
C ALA A 106 3.50 10.43 -6.81
N THR A 107 4.03 9.25 -6.50
CA THR A 107 3.22 8.03 -6.56
C THR A 107 2.17 8.05 -5.44
N ALA A 108 2.56 8.50 -4.23
CA ALA A 108 1.63 8.55 -3.11
C ALA A 108 0.53 9.59 -3.37
N MET A 109 0.85 10.71 -4.07
CA MET A 109 -0.19 11.69 -4.42
C MET A 109 -1.19 11.03 -5.38
N TYR A 110 -0.70 10.32 -6.36
CA TYR A 110 -1.55 9.62 -7.33
C TYR A 110 -2.40 8.53 -6.68
N LEU A 111 -1.79 7.79 -5.78
CA LEU A 111 -2.48 6.71 -5.06
C LEU A 111 -3.39 7.19 -3.93
N GLN A 112 -3.35 8.47 -3.60
CA GLN A 112 -4.12 9.07 -2.52
C GLN A 112 -3.78 8.42 -1.20
N MET A 113 -2.50 8.54 -0.85
CA MET A 113 -1.96 8.05 0.39
C MET A 113 -1.35 9.29 1.08
N GLU A 114 -2.20 10.06 1.74
CA GLU A 114 -1.84 11.35 2.33
C GLU A 114 -0.76 11.36 3.40
N HIS A 115 -0.77 10.35 4.28
N HIS A 115 -0.79 10.40 4.29
CA HIS A 115 0.24 10.28 5.33
CA HIS A 115 0.22 10.27 5.33
C HIS A 115 1.64 10.15 4.73
C HIS A 115 1.63 10.14 4.75
N VAL A 116 1.77 9.38 3.64
CA VAL A 116 3.07 9.22 2.98
C VAL A 116 3.43 10.55 2.33
N VAL A 117 2.46 11.21 1.67
CA VAL A 117 2.72 12.52 1.06
C VAL A 117 3.21 13.51 2.10
N ASP A 118 2.55 13.53 3.27
CA ASP A 118 2.93 14.44 4.35
C ASP A 118 4.36 14.21 4.84
N THR A 119 4.79 12.93 5.06
N THR A 119 4.74 12.96 5.01
CA THR A 119 6.17 12.68 5.53
CA THR A 119 6.09 12.63 5.47
C THR A 119 7.18 12.99 4.42
C THR A 119 7.13 12.99 4.42
N CYS A 120 6.80 12.79 3.13
CA CYS A 120 7.72 13.16 2.03
C CYS A 120 7.92 14.67 2.03
N ARG A 121 6.83 15.44 2.17
N ARG A 121 6.83 15.44 2.17
CA ARG A 121 6.91 16.90 2.20
CA ARG A 121 6.93 16.90 2.18
C ARG A 121 7.79 17.38 3.35
C ARG A 121 7.78 17.39 3.35
N LYS A 122 7.66 16.74 4.52
CA LYS A 122 8.46 17.12 5.69
C LYS A 122 9.94 16.84 5.47
N PHE A 123 10.26 15.67 4.87
CA PHE A 123 11.66 15.31 4.63
C PHE A 123 12.27 16.24 3.57
N ILE A 124 11.49 16.59 2.53
CA ILE A 124 12.00 17.50 1.50
C ILE A 124 12.25 18.89 2.09
N LYS A 125 11.29 19.38 2.89
CA LYS A 125 11.38 20.70 3.51
C LYS A 125 12.60 20.80 4.43
N ALA A 126 12.94 19.71 5.12
CA ALA A 126 14.10 19.70 6.02
C ALA A 126 15.43 19.83 5.28
N SER A 127 15.48 19.40 4.01
CA SER A 127 16.71 19.51 3.22
C SER A 127 16.80 20.82 2.42
N GLU A 128 15.83 21.72 2.56
CA GLU A 128 15.85 23.02 1.88
C GLU A 128 16.55 24.07 2.74
CA ALA B 1 -0.37 -9.43 25.13
C ALA B 1 -1.80 -8.86 24.98
N TRP B 2 -2.63 -9.08 25.99
CA TRP B 2 -4.00 -8.60 25.99
C TRP B 2 -4.11 -7.40 26.93
N VAL B 3 -4.98 -6.46 26.59
CA VAL B 3 -5.17 -5.25 27.40
C VAL B 3 -6.65 -4.82 27.43
N ILE B 4 -7.00 -3.86 28.31
CA ILE B 4 -8.29 -3.22 28.30
C ILE B 4 -8.12 -2.05 27.31
N PRO B 5 -8.78 -2.10 26.14
CA PRO B 5 -8.56 -1.03 25.15
C PRO B 5 -9.17 0.30 25.55
N ALA B 6 -8.54 1.41 25.13
#